data_9GLZ
#
_entry.id   9GLZ
#
_cell.length_a   84.072
_cell.length_b   122.32
_cell.length_c   105.615
_cell.angle_alpha   90
_cell.angle_beta   90
_cell.angle_gamma   90
#
_symmetry.space_group_name_H-M   'C 2 2 21'
#
loop_
_entity.id
_entity.type
_entity.pdbx_description
1 polymer 'GTPase KRas'
2 polymer 'nanobody KM12-AM'
3 non-polymer 'MAGNESIUM ION'
4 non-polymer 'PHOSPHOAMINOPHOSPHONIC ACID-GUANYLATE ESTER'
5 water water
#
loop_
_entity_poly.entity_id
_entity_poly.type
_entity_poly.pdbx_seq_one_letter_code
_entity_poly.pdbx_strand_id
1 'polypeptide(L)'
;GMTEYKLVVVGADGVGKSALTIQLIQNHFVDEYDPTIEDSYRKQVVIDGETSLLDILDTAGQEEYSAMRDQYMRTGEGFL
LVFAINNTKSFEDIHHYREQIKRVKDSEDVPMVLVGNKSDLPSRTVDTKQAQDLARSYGIPFIETSAKTRQGVDDAFYTL
VREIRKHKEK
;
A,B
2 'polypeptide(L)'
;QVQLVESVGGLVQPGDSLRLSCAASGPSLDLYGTAWFRQVPGKEREFVSHIDRSGITIYADSVEGRFTISRDSAKRTVYL
QMNTLAPEDTAAYYCAATRSNFYFPREDMSYDSWGQGTLVTVSSGGGGSEFRHDS
;
C,D
#
# COMPACT_ATOMS: atom_id res chain seq x y z
N MET A 2 -1.32 -9.34 19.89
CA MET A 2 0.07 -9.72 19.66
C MET A 2 1.02 -8.51 19.72
N THR A 3 2.34 -8.77 19.73
CA THR A 3 3.33 -7.70 19.73
C THR A 3 3.23 -6.93 18.40
N GLU A 4 3.40 -5.61 18.44
CA GLU A 4 3.28 -4.77 17.27
C GLU A 4 4.58 -3.99 17.02
N TYR A 5 5.09 -4.03 15.77
CA TYR A 5 6.34 -3.37 15.42
C TYR A 5 6.11 -2.20 14.47
N LYS A 6 6.57 -1.00 14.83
CA LYS A 6 6.45 0.16 13.97
C LYS A 6 7.76 0.39 13.22
N LEU A 7 7.79 0.06 11.91
CA LEU A 7 8.97 0.18 11.06
C LEU A 7 8.83 1.37 10.09
N VAL A 8 9.87 2.17 9.91
CA VAL A 8 9.82 3.32 9.02
C VAL A 8 10.93 3.18 7.99
N VAL A 9 10.61 3.26 6.69
CA VAL A 9 11.61 3.16 5.63
C VAL A 9 11.97 4.57 5.20
N VAL A 10 13.23 5.00 5.42
CA VAL A 10 13.72 6.36 5.09
C VAL A 10 14.85 6.32 4.03
N GLY A 11 15.07 7.45 3.38
CA GLY A 11 16.07 7.54 2.33
C GLY A 11 15.73 8.60 1.30
N ALA A 12 16.73 9.00 0.50
CA ALA A 12 16.55 10.02 -0.54
C ALA A 12 15.54 9.62 -1.64
N ASP A 13 15.07 10.58 -2.46
CA ASP A 13 14.13 10.34 -3.54
C ASP A 13 14.67 9.28 -4.51
N GLY A 14 13.83 8.33 -4.88
CA GLY A 14 14.20 7.32 -5.87
C GLY A 14 15.14 6.19 -5.49
N VAL A 15 15.47 6.02 -4.19
CA VAL A 15 16.38 4.93 -3.78
C VAL A 15 15.74 3.53 -3.83
N GLY A 16 14.40 3.47 -3.85
CA GLY A 16 13.62 2.24 -3.91
C GLY A 16 12.88 1.88 -2.63
N LYS A 17 12.52 2.88 -1.82
CA LYS A 17 11.81 2.68 -0.54
C LYS A 17 10.45 1.96 -0.78
N SER A 18 9.66 2.44 -1.79
CA SER A 18 8.39 1.84 -2.12
C SER A 18 8.59 0.48 -2.77
N ALA A 19 9.52 0.38 -3.75
CA ALA A 19 9.79 -0.90 -4.42
C ALA A 19 10.18 -2.02 -3.44
N LEU A 20 11.03 -1.73 -2.45
CA LEU A 20 11.42 -2.71 -1.43
C LEU A 20 10.18 -3.14 -0.59
N THR A 21 9.37 -2.16 -0.17
CA THR A 21 8.18 -2.41 0.65
C THR A 21 7.19 -3.28 -0.12
N ILE A 22 6.97 -2.96 -1.41
CA ILE A 22 6.05 -3.65 -2.30
C ILE A 22 6.56 -5.05 -2.67
N GLN A 23 7.86 -5.23 -2.90
CA GLN A 23 8.44 -6.56 -3.12
C GLN A 23 8.23 -7.42 -1.84
N LEU A 24 8.46 -6.85 -0.65
CA LEU A 24 8.26 -7.58 0.62
C LEU A 24 6.85 -8.12 0.80
N ILE A 25 5.84 -7.21 0.80
CA ILE A 25 4.49 -7.59 1.12
C ILE A 25 3.61 -8.02 -0.10
N GLN A 26 4.05 -7.75 -1.34
CA GLN A 26 3.23 -8.12 -2.51
C GLN A 26 3.91 -9.13 -3.44
N ASN A 27 5.24 -9.36 -3.29
CA ASN A 27 6.01 -10.30 -4.10
C ASN A 27 6.11 -9.94 -5.58
N HIS A 28 6.08 -8.64 -5.89
CA HIS A 28 6.25 -8.20 -7.27
C HIS A 28 7.11 -6.95 -7.36
N PHE A 29 7.76 -6.76 -8.51
CA PHE A 29 8.59 -5.60 -8.73
C PHE A 29 7.81 -4.55 -9.54
N VAL A 30 7.64 -3.36 -8.93
CA VAL A 30 6.86 -2.26 -9.46
C VAL A 30 7.73 -1.31 -10.35
N ASP A 31 8.03 -1.74 -11.59
CA ASP A 31 8.87 -0.92 -12.47
C ASP A 31 8.11 0.27 -13.04
N GLU A 32 8.04 1.35 -12.27
CA GLU A 32 7.34 2.57 -12.67
C GLU A 32 7.74 3.73 -11.77
N TYR A 33 7.62 4.94 -12.30
CA TYR A 33 7.91 6.17 -11.58
C TYR A 33 6.64 6.58 -10.84
N ASP A 34 6.74 6.81 -9.54
CA ASP A 34 5.57 7.20 -8.73
C ASP A 34 6.06 7.63 -7.37
N PRO A 35 6.47 8.91 -7.24
CA PRO A 35 7.00 9.36 -5.95
C PRO A 35 5.94 9.38 -4.85
N THR A 36 6.39 9.18 -3.61
CA THR A 36 5.54 9.00 -2.44
C THR A 36 5.40 10.23 -1.55
N ILE A 37 4.24 10.38 -0.90
CA ILE A 37 4.04 11.44 0.09
C ILE A 37 4.17 10.67 1.41
N GLU A 38 3.30 9.69 1.64
CA GLU A 38 3.33 8.86 2.82
C GLU A 38 2.34 7.72 2.62
N ASP A 39 2.82 6.49 2.69
CA ASP A 39 2.01 5.30 2.55
C ASP A 39 2.32 4.37 3.72
N SER A 40 1.31 3.71 4.25
CA SER A 40 1.51 2.80 5.37
C SER A 40 0.82 1.48 5.12
N TYR A 41 1.41 0.42 5.65
CA TYR A 41 0.90 -0.92 5.50
C TYR A 41 0.94 -1.64 6.82
N ARG A 42 -0.10 -2.42 7.07
CA ARG A 42 -0.19 -3.19 8.29
C ARG A 42 -0.41 -4.63 7.91
N LYS A 43 0.53 -5.52 8.29
CA LYS A 43 0.44 -6.92 7.94
C LYS A 43 0.81 -7.82 9.12
N GLN A 44 0.22 -9.00 9.22
CA GLN A 44 0.62 -9.97 10.23
C GLN A 44 1.76 -10.79 9.66
N VAL A 45 2.78 -11.03 10.46
CA VAL A 45 3.95 -11.79 10.02
C VAL A 45 4.42 -12.70 11.18
N VAL A 46 5.02 -13.85 10.86
CA VAL A 46 5.54 -14.73 11.90
C VAL A 46 7.09 -14.59 11.94
N ILE A 47 7.63 -14.13 13.07
CA ILE A 47 9.07 -13.88 13.23
C ILE A 47 9.57 -14.84 14.25
N ASP A 48 10.55 -15.69 13.90
CA ASP A 48 11.13 -16.67 14.80
C ASP A 48 10.07 -17.51 15.52
N GLY A 49 9.00 -17.85 14.80
CA GLY A 49 7.90 -18.64 15.35
C GLY A 49 6.83 -17.89 16.13
N GLU A 50 6.90 -16.55 16.16
CA GLU A 50 5.90 -15.76 16.89
C GLU A 50 5.21 -14.71 15.99
N THR A 51 3.89 -14.83 15.84
CA THR A 51 3.05 -13.95 15.03
C THR A 51 3.01 -12.58 15.71
N SER A 52 3.28 -11.55 14.93
CA SER A 52 3.30 -10.16 15.36
C SER A 52 2.62 -9.31 14.28
N LEU A 53 2.30 -8.07 14.62
CA LEU A 53 1.73 -7.13 13.68
C LEU A 53 2.86 -6.27 13.20
N LEU A 54 3.01 -6.14 11.89
CA LEU A 54 4.04 -5.32 11.28
C LEU A 54 3.42 -4.04 10.71
N ASP A 55 3.86 -2.87 11.17
CA ASP A 55 3.41 -1.59 10.64
C ASP A 55 4.60 -1.01 9.86
N ILE A 56 4.45 -0.76 8.56
CA ILE A 56 5.54 -0.21 7.75
C ILE A 56 5.12 1.10 7.18
N LEU A 57 5.84 2.17 7.52
CA LEU A 57 5.59 3.47 6.96
C LEU A 57 6.61 3.71 5.88
N ASP A 58 6.11 3.91 4.66
CA ASP A 58 6.88 4.20 3.47
C ASP A 58 6.85 5.74 3.30
N THR A 59 8.01 6.36 3.53
CA THR A 59 8.15 7.81 3.55
C THR A 59 8.59 8.47 2.22
N ALA A 60 8.54 9.82 2.15
CA ALA A 60 8.96 10.67 1.03
C ALA A 60 10.48 10.92 1.17
N GLY A 61 11.18 10.97 0.04
CA GLY A 61 12.63 11.19 0.05
C GLY A 61 13.13 12.61 0.19
N ASP A 70 8.91 14.52 11.04
CA ASP A 70 9.33 14.55 12.45
C ASP A 70 8.37 13.80 13.36
N GLN A 71 7.08 13.81 13.04
CA GLN A 71 6.11 13.04 13.80
C GLN A 71 6.25 11.52 13.49
N TYR A 72 6.74 11.16 12.27
CA TYR A 72 6.98 9.76 11.96
C TYR A 72 8.31 9.24 12.53
N MET A 73 9.28 10.15 12.77
CA MET A 73 10.53 9.76 13.40
C MET A 73 10.34 9.55 14.90
N ARG A 74 9.35 10.21 15.53
CA ARG A 74 9.14 10.00 16.97
C ARG A 74 8.19 8.82 17.24
N THR A 75 7.39 8.42 16.24
CA THR A 75 6.46 7.30 16.32
C THR A 75 7.17 5.97 16.05
N GLY A 76 8.05 5.96 15.06
CA GLY A 76 8.74 4.74 14.66
C GLY A 76 9.59 4.11 15.74
N GLU A 77 9.53 2.78 15.81
CA GLU A 77 10.37 2.04 16.75
C GLU A 77 11.68 1.52 16.08
N GLY A 78 11.70 1.42 14.75
CA GLY A 78 12.87 0.96 14.00
C GLY A 78 12.96 1.57 12.62
N PHE A 79 14.19 1.87 12.17
CA PHE A 79 14.36 2.54 10.89
C PHE A 79 15.24 1.80 9.91
N LEU A 80 14.77 1.74 8.67
CA LEU A 80 15.49 1.16 7.55
C LEU A 80 16.04 2.33 6.80
N LEU A 81 17.38 2.53 6.87
CA LEU A 81 18.06 3.65 6.20
C LEU A 81 18.47 3.17 4.81
N VAL A 82 17.84 3.68 3.77
CA VAL A 82 18.07 3.19 2.41
C VAL A 82 18.82 4.15 1.50
N PHE A 83 19.78 3.62 0.73
CA PHE A 83 20.46 4.38 -0.33
C PHE A 83 20.50 3.51 -1.59
N ALA A 84 20.79 4.11 -2.73
CA ALA A 84 20.87 3.37 -3.99
C ALA A 84 22.35 3.28 -4.40
N ILE A 85 22.88 2.09 -4.75
CA ILE A 85 24.31 1.93 -5.05
C ILE A 85 24.81 2.72 -6.27
N ASN A 86 23.90 3.17 -7.12
CA ASN A 86 24.24 3.99 -8.28
C ASN A 86 23.90 5.49 -8.03
N ASN A 87 23.65 5.89 -6.75
CA ASN A 87 23.30 7.26 -6.39
C ASN A 87 24.17 7.71 -5.19
N THR A 88 25.25 8.42 -5.47
CA THR A 88 26.21 8.89 -4.45
C THR A 88 25.64 9.83 -3.40
N LYS A 89 24.83 10.80 -3.82
CA LYS A 89 24.18 11.75 -2.91
C LYS A 89 23.32 10.99 -1.87
N SER A 90 22.56 9.96 -2.30
CA SER A 90 21.74 9.14 -1.40
C SER A 90 22.57 8.50 -0.28
N PHE A 91 23.82 8.06 -0.59
CA PHE A 91 24.72 7.50 0.40
C PHE A 91 25.21 8.58 1.35
N GLU A 92 25.54 9.77 0.84
CA GLU A 92 25.96 10.89 1.68
C GLU A 92 24.82 11.31 2.64
N ASP A 93 23.55 11.15 2.24
CA ASP A 93 22.40 11.53 3.08
C ASP A 93 22.22 10.67 4.32
N ILE A 94 22.69 9.43 4.28
CA ILE A 94 22.56 8.47 5.36
C ILE A 94 22.93 9.03 6.74
N HIS A 95 24.15 9.59 6.92
CA HIS A 95 24.53 10.13 8.23
C HIS A 95 23.60 11.27 8.69
N HIS A 96 22.97 11.99 7.75
CA HIS A 96 22.02 13.03 8.09
C HIS A 96 20.71 12.44 8.60
N TYR A 97 20.15 11.38 7.96
CA TYR A 97 18.92 10.73 8.43
C TYR A 97 19.18 10.14 9.81
N ARG A 98 20.31 9.47 10.00
CA ARG A 98 20.66 8.92 11.32
C ARG A 98 20.68 10.00 12.41
N GLU A 99 21.37 11.12 12.14
CA GLU A 99 21.44 12.23 13.08
C GLU A 99 20.04 12.85 13.35
N GLN A 100 19.16 12.94 12.33
CA GLN A 100 17.82 13.49 12.55
C GLN A 100 17.00 12.58 13.46
N ILE A 101 17.03 11.25 13.22
CA ILE A 101 16.27 10.29 14.01
C ILE A 101 16.69 10.32 15.49
N LYS A 102 17.99 10.33 15.75
CA LYS A 102 18.53 10.38 17.11
C LYS A 102 18.19 11.68 17.81
N ARG A 103 18.16 12.81 17.06
CA ARG A 103 17.82 14.11 17.64
C ARG A 103 16.36 14.13 18.01
N VAL A 104 15.48 13.70 17.07
CA VAL A 104 14.03 13.67 17.27
C VAL A 104 13.66 12.77 18.44
N LYS A 105 14.20 11.55 18.46
CA LYS A 105 13.91 10.61 19.53
C LYS A 105 14.67 10.88 20.83
N ASP A 106 15.55 11.94 20.87
CA ASP A 106 16.46 12.30 21.97
C ASP A 106 17.13 11.02 22.52
N SER A 107 17.61 10.18 21.58
CA SER A 107 18.14 8.88 21.94
C SER A 107 19.31 8.50 21.11
N GLU A 108 20.25 7.75 21.70
CA GLU A 108 21.38 7.13 20.98
C GLU A 108 21.25 5.61 21.08
N ASP A 109 20.01 5.08 21.09
CA ASP A 109 19.69 3.66 21.24
C ASP A 109 18.46 3.32 20.38
N VAL A 110 18.51 3.70 19.11
CA VAL A 110 17.41 3.46 18.18
C VAL A 110 17.75 2.33 17.22
N PRO A 111 16.92 1.28 17.18
CA PRO A 111 17.15 0.19 16.20
C PRO A 111 17.18 0.69 14.73
N MET A 112 18.27 0.41 14.03
CA MET A 112 18.43 0.81 12.63
C MET A 112 19.15 -0.25 11.83
N VAL A 113 18.89 -0.27 10.52
CA VAL A 113 19.54 -1.18 9.59
C VAL A 113 19.88 -0.36 8.35
N LEU A 114 21.11 -0.51 7.82
CA LEU A 114 21.51 0.18 6.60
C LEU A 114 21.22 -0.72 5.39
N VAL A 115 20.63 -0.16 4.33
CA VAL A 115 20.27 -0.91 3.15
C VAL A 115 20.85 -0.27 1.90
N GLY A 116 21.62 -1.03 1.12
CA GLY A 116 22.17 -0.62 -0.17
C GLY A 116 21.37 -1.27 -1.29
N ASN A 117 20.39 -0.53 -1.85
CA ASN A 117 19.46 -1.04 -2.87
C ASN A 117 19.96 -0.90 -4.34
N LYS A 118 19.31 -1.62 -5.29
CA LYS A 118 19.58 -1.67 -6.73
C LYS A 118 20.86 -2.44 -7.06
N SER A 119 21.13 -3.50 -6.29
CA SER A 119 22.31 -4.33 -6.45
C SER A 119 22.41 -5.03 -7.78
N ASP A 120 21.26 -5.21 -8.45
CA ASP A 120 21.16 -5.82 -9.77
C ASP A 120 21.76 -4.91 -10.87
N LEU A 121 21.92 -3.59 -10.60
CA LEU A 121 22.46 -2.64 -11.59
C LEU A 121 23.98 -2.67 -11.73
N PRO A 122 24.47 -2.46 -12.96
CA PRO A 122 25.93 -2.46 -13.17
C PRO A 122 26.64 -1.11 -13.00
N SER A 123 25.88 -0.01 -12.83
CA SER A 123 26.50 1.31 -12.77
C SER A 123 26.66 1.88 -11.35
N ARG A 124 27.32 1.12 -10.49
CA ARG A 124 27.54 1.51 -9.12
C ARG A 124 28.53 2.70 -9.00
N THR A 125 28.22 3.64 -8.11
CA THR A 125 29.06 4.79 -7.81
C THR A 125 29.55 4.81 -6.33
N VAL A 126 29.01 3.87 -5.48
CA VAL A 126 29.35 3.70 -4.08
C VAL A 126 29.88 2.29 -3.85
N ASP A 127 31.12 2.15 -3.41
CA ASP A 127 31.74 0.86 -3.11
C ASP A 127 31.00 0.24 -1.92
N THR A 128 30.62 -1.06 -2.01
CA THR A 128 29.95 -1.76 -0.91
C THR A 128 30.79 -1.71 0.37
N LYS A 129 32.10 -1.74 0.24
CA LYS A 129 33.02 -1.69 1.39
C LYS A 129 32.82 -0.45 2.22
N GLN A 130 32.51 0.68 1.55
CA GLN A 130 32.24 1.93 2.23
C GLN A 130 30.96 1.83 3.08
N ALA A 131 29.88 1.23 2.52
CA ALA A 131 28.63 1.03 3.25
C ALA A 131 28.82 0.06 4.44
N GLN A 132 29.64 -1.01 4.28
CA GLN A 132 29.91 -1.95 5.37
C GLN A 132 30.69 -1.26 6.48
N ASP A 133 31.68 -0.42 6.14
CA ASP A 133 32.45 0.28 7.17
C ASP A 133 31.61 1.34 7.91
N LEU A 134 30.74 2.05 7.20
CA LEU A 134 29.85 3.06 7.82
C LEU A 134 28.90 2.35 8.79
N ALA A 135 28.27 1.25 8.35
CA ALA A 135 27.34 0.52 9.20
C ALA A 135 28.07 -0.01 10.48
N ARG A 136 29.29 -0.58 10.31
CA ARG A 136 30.12 -1.08 11.40
C ARG A 136 30.52 0.07 12.38
N SER A 137 30.75 1.28 11.87
CA SER A 137 31.05 2.44 12.73
C SER A 137 29.86 2.78 13.66
N TYR A 138 28.64 2.50 13.23
CA TYR A 138 27.45 2.71 14.06
C TYR A 138 27.08 1.49 14.91
N GLY A 139 27.67 0.33 14.63
CA GLY A 139 27.28 -0.93 15.25
C GLY A 139 26.00 -1.47 14.65
N ILE A 140 25.65 -1.10 13.40
CA ILE A 140 24.39 -1.58 12.77
C ILE A 140 24.62 -2.51 11.59
N PRO A 141 23.68 -3.42 11.28
CA PRO A 141 23.88 -4.31 10.12
C PRO A 141 23.71 -3.56 8.78
N PHE A 142 24.41 -4.06 7.74
CA PHE A 142 24.35 -3.58 6.36
C PHE A 142 23.87 -4.76 5.51
N ILE A 143 22.83 -4.55 4.70
CA ILE A 143 22.31 -5.60 3.81
C ILE A 143 22.24 -5.03 2.39
N GLU A 144 22.79 -5.76 1.40
CA GLU A 144 22.70 -5.39 -0.01
C GLU A 144 21.36 -5.97 -0.48
N THR A 145 20.56 -5.15 -1.12
CA THR A 145 19.24 -5.55 -1.55
C THR A 145 19.01 -5.21 -3.02
N SER A 146 17.99 -5.84 -3.58
CA SER A 146 17.49 -5.51 -4.90
C SER A 146 16.00 -5.76 -4.82
N ALA A 147 15.21 -4.70 -4.95
CA ALA A 147 13.75 -4.84 -4.99
C ALA A 147 13.30 -5.56 -6.29
N LYS A 148 14.17 -5.63 -7.32
CA LYS A 148 13.86 -6.31 -8.57
C LYS A 148 14.09 -7.81 -8.44
N THR A 149 15.24 -8.24 -7.89
CA THR A 149 15.48 -9.68 -7.76
C THR A 149 15.00 -10.31 -6.44
N ARG A 150 14.61 -9.47 -5.46
CA ARG A 150 14.25 -9.87 -4.10
C ARG A 150 15.49 -10.21 -3.23
N GLN A 151 16.72 -10.05 -3.79
CA GLN A 151 17.98 -10.23 -3.06
C GLN A 151 17.96 -9.39 -1.76
N GLY A 152 18.21 -10.04 -0.62
CA GLY A 152 18.28 -9.40 0.68
C GLY A 152 17.07 -8.70 1.24
N VAL A 153 15.92 -8.66 0.52
CA VAL A 153 14.70 -7.99 0.96
C VAL A 153 14.17 -8.61 2.28
N ASP A 154 14.02 -9.94 2.34
CA ASP A 154 13.56 -10.59 3.57
C ASP A 154 14.58 -10.37 4.69
N ASP A 155 15.87 -10.52 4.38
CA ASP A 155 16.97 -10.33 5.33
C ASP A 155 16.92 -8.92 5.94
N ALA A 156 16.70 -7.87 5.12
CA ALA A 156 16.63 -6.50 5.60
C ALA A 156 15.48 -6.23 6.60
N PHE A 157 14.25 -6.65 6.25
CA PHE A 157 13.11 -6.45 7.15
C PHE A 157 13.16 -7.39 8.35
N TYR A 158 13.61 -8.62 8.15
CA TYR A 158 13.73 -9.59 9.23
C TYR A 158 14.73 -9.11 10.30
N THR A 159 15.92 -8.64 9.85
CA THR A 159 16.99 -8.16 10.72
C THR A 159 16.51 -6.96 11.54
N LEU A 160 15.78 -6.02 10.91
CA LEU A 160 15.28 -4.86 11.63
C LEU A 160 14.18 -5.24 12.67
N VAL A 161 13.28 -6.18 12.35
CA VAL A 161 12.26 -6.63 13.32
C VAL A 161 12.94 -7.26 14.54
N ARG A 162 13.97 -8.07 14.31
CA ARG A 162 14.74 -8.68 15.39
C ARG A 162 15.39 -7.62 16.27
N GLU A 163 15.94 -6.55 15.67
CA GLU A 163 16.56 -5.46 16.44
C GLU A 163 15.50 -4.70 17.28
N ILE A 164 14.28 -4.50 16.73
CA ILE A 164 13.25 -3.81 17.49
C ILE A 164 12.81 -4.68 18.68
N ARG A 165 12.63 -5.97 18.42
CA ARG A 165 12.24 -6.93 19.45
C ARG A 165 13.27 -7.03 20.59
N LYS A 166 14.56 -7.03 20.26
CA LYS A 166 15.60 -7.10 21.28
C LYS A 166 15.55 -5.85 22.18
N HIS A 167 15.32 -4.70 21.58
CA HIS A 167 15.22 -3.42 22.29
C HIS A 167 13.96 -3.38 23.18
N LYS A 168 12.85 -3.99 22.73
CA LYS A 168 11.59 -4.05 23.46
C LYS A 168 11.65 -4.93 24.71
N GLU A 169 12.67 -5.81 24.83
CA GLU A 169 12.80 -6.73 25.97
C GLU A 169 13.90 -6.34 26.96
N MET B 2 -3.52 22.93 2.70
CA MET B 2 -4.66 22.75 1.80
C MET B 2 -5.81 21.97 2.48
N THR B 3 -6.98 21.91 1.83
CA THR B 3 -8.10 21.13 2.35
C THR B 3 -7.71 19.63 2.30
N GLU B 4 -8.10 18.85 3.31
CA GLU B 4 -7.80 17.43 3.37
C GLU B 4 -9.11 16.64 3.35
N TYR B 5 -9.12 15.50 2.64
CA TYR B 5 -10.30 14.62 2.57
C TYR B 5 -9.89 13.23 3.03
N LYS B 6 -10.46 12.77 4.13
CA LYS B 6 -10.11 11.46 4.67
C LYS B 6 -11.16 10.47 4.18
N LEU B 7 -10.76 9.64 3.21
CA LEU B 7 -11.66 8.66 2.58
C LEU B 7 -11.34 7.30 3.15
N VAL B 8 -12.37 6.47 3.34
CA VAL B 8 -12.20 5.12 3.85
C VAL B 8 -12.86 4.17 2.88
N VAL B 9 -12.11 3.16 2.44
CA VAL B 9 -12.61 2.16 1.52
C VAL B 9 -12.82 0.96 2.41
N VAL B 10 -14.08 0.65 2.64
CA VAL B 10 -14.42 -0.41 3.57
C VAL B 10 -15.16 -1.56 2.90
N GLY B 11 -14.96 -2.77 3.39
CA GLY B 11 -15.60 -3.95 2.81
C GLY B 11 -14.89 -5.24 3.15
N ALA B 12 -15.58 -6.37 3.02
CA ALA B 12 -15.06 -7.69 3.35
C ALA B 12 -13.70 -8.01 2.69
N ASP B 13 -12.96 -8.99 3.25
CA ASP B 13 -11.67 -9.39 2.70
C ASP B 13 -11.84 -9.94 1.30
N GLY B 14 -10.96 -9.54 0.42
CA GLY B 14 -10.96 -10.01 -0.96
C GLY B 14 -11.85 -9.29 -1.96
N VAL B 15 -12.54 -8.22 -1.56
CA VAL B 15 -13.44 -7.51 -2.51
C VAL B 15 -12.70 -6.58 -3.49
N GLY B 16 -11.46 -6.21 -3.17
CA GLY B 16 -10.64 -5.38 -4.05
C GLY B 16 -10.47 -3.93 -3.60
N LYS B 17 -10.46 -3.68 -2.28
CA LYS B 17 -10.25 -2.35 -1.69
C LYS B 17 -8.87 -1.84 -2.08
N SER B 18 -7.81 -2.65 -1.83
CA SER B 18 -6.46 -2.20 -2.19
C SER B 18 -6.35 -2.07 -3.69
N ALA B 19 -6.88 -3.05 -4.44
CA ALA B 19 -6.85 -3.02 -5.89
C ALA B 19 -7.46 -1.73 -6.47
N LEU B 20 -8.60 -1.28 -5.92
CA LEU B 20 -9.25 -0.05 -6.36
C LEU B 20 -8.43 1.19 -6.02
N THR B 21 -7.79 1.23 -4.84
CA THR B 21 -6.98 2.39 -4.45
C THR B 21 -5.68 2.46 -5.24
N ILE B 22 -4.95 1.35 -5.36
CA ILE B 22 -3.69 1.23 -6.12
C ILE B 22 -3.94 1.61 -7.57
N GLN B 23 -5.05 1.12 -8.15
CA GLN B 23 -5.43 1.50 -9.52
C GLN B 23 -5.66 3.02 -9.60
N LEU B 24 -6.52 3.60 -8.76
CA LEU B 24 -6.76 5.06 -8.77
C LEU B 24 -5.50 5.92 -8.76
N ILE B 25 -4.58 5.70 -7.80
CA ILE B 25 -3.42 6.57 -7.68
C ILE B 25 -2.15 6.10 -8.43
N GLN B 26 -1.95 4.79 -8.64
CA GLN B 26 -0.75 4.31 -9.35
C GLN B 26 -1.01 3.81 -10.80
N ASN B 27 -2.27 3.83 -11.29
CA ASN B 27 -2.63 3.43 -12.65
C ASN B 27 -2.23 2.00 -13.07
N HIS B 28 -2.11 1.08 -12.11
CA HIS B 28 -1.75 -0.30 -12.45
C HIS B 28 -2.53 -1.32 -11.60
N PHE B 29 -2.53 -2.58 -12.04
CA PHE B 29 -3.21 -3.66 -11.36
C PHE B 29 -2.35 -4.93 -11.48
N VAL B 30 -2.25 -5.69 -10.38
CA VAL B 30 -1.59 -7.00 -10.39
C VAL B 30 -2.55 -7.97 -9.66
N ASP B 31 -2.81 -9.16 -10.20
CA ASP B 31 -3.80 -10.08 -9.64
C ASP B 31 -3.33 -10.93 -8.42
N GLU B 32 -2.24 -10.56 -7.74
CA GLU B 32 -1.79 -11.33 -6.57
C GLU B 32 -2.65 -10.99 -5.34
N TYR B 33 -2.90 -11.97 -4.46
CA TYR B 33 -3.68 -11.73 -3.26
C TYR B 33 -2.84 -11.88 -1.99
N ASP B 34 -2.45 -10.75 -1.41
CA ASP B 34 -1.65 -10.71 -0.19
C ASP B 34 -2.39 -9.85 0.82
N PRO B 35 -3.11 -10.49 1.75
CA PRO B 35 -3.97 -9.71 2.65
C PRO B 35 -3.27 -8.79 3.64
N THR B 36 -3.88 -7.62 3.87
CA THR B 36 -3.38 -6.66 4.84
C THR B 36 -4.46 -6.35 5.87
N ILE B 37 -4.05 -5.96 7.08
CA ILE B 37 -5.01 -5.53 8.10
C ILE B 37 -5.59 -4.17 7.63
N GLU B 38 -4.72 -3.25 7.20
CA GLU B 38 -5.11 -1.96 6.64
C GLU B 38 -3.96 -1.29 5.87
N ASP B 39 -4.31 -0.46 4.89
CA ASP B 39 -3.30 0.27 4.10
C ASP B 39 -3.74 1.71 4.02
N SER B 40 -2.80 2.66 4.02
CA SER B 40 -3.16 4.06 3.84
C SER B 40 -2.23 4.73 2.80
N TYR B 41 -2.80 5.66 2.03
CA TYR B 41 -2.08 6.35 0.96
C TYR B 41 -2.43 7.83 1.00
N ARG B 42 -1.46 8.70 0.77
CA ARG B 42 -1.71 10.14 0.69
C ARG B 42 -1.39 10.59 -0.71
N LYS B 43 -2.27 11.40 -1.32
CA LYS B 43 -2.05 11.85 -2.70
C LYS B 43 -2.67 13.22 -2.90
N GLN B 44 -1.95 14.15 -3.53
CA GLN B 44 -2.54 15.46 -3.84
C GLN B 44 -3.35 15.31 -5.11
N VAL B 45 -4.51 15.91 -5.14
CA VAL B 45 -5.42 15.83 -6.27
C VAL B 45 -6.06 17.20 -6.46
N VAL B 46 -6.35 17.55 -7.70
CA VAL B 46 -7.00 18.83 -7.98
C VAL B 46 -8.44 18.45 -8.28
N ILE B 47 -9.37 18.86 -7.41
CA ILE B 47 -10.79 18.51 -7.54
C ILE B 47 -11.54 19.76 -7.92
N ASP B 48 -12.15 19.75 -9.13
CA ASP B 48 -12.88 20.91 -9.66
C ASP B 48 -12.06 22.20 -9.56
N GLY B 49 -10.76 22.09 -9.88
CA GLY B 49 -9.83 23.22 -9.87
C GLY B 49 -9.25 23.66 -8.55
N GLU B 50 -9.34 22.82 -7.50
CA GLU B 50 -8.83 23.15 -6.16
C GLU B 50 -7.92 22.06 -5.67
N THR B 51 -6.64 22.38 -5.35
CA THR B 51 -5.67 21.39 -4.89
C THR B 51 -5.90 21.05 -3.44
N SER B 52 -6.11 19.77 -3.18
CA SER B 52 -6.31 19.30 -1.84
C SER B 52 -5.59 17.95 -1.62
N LEU B 53 -5.57 17.48 -0.38
CA LEU B 53 -4.92 16.24 -0.04
C LEU B 53 -5.93 15.14 0.20
N LEU B 54 -5.75 13.99 -0.45
CA LEU B 54 -6.60 12.84 -0.23
C LEU B 54 -5.84 11.90 0.69
N ASP B 55 -6.48 11.45 1.76
CA ASP B 55 -5.90 10.45 2.67
C ASP B 55 -6.81 9.27 2.53
N ILE B 56 -6.33 8.20 1.89
CA ILE B 56 -7.18 7.05 1.61
C ILE B 56 -6.79 5.86 2.45
N LEU B 57 -7.71 5.36 3.27
CA LEU B 57 -7.47 4.21 4.10
C LEU B 57 -8.29 3.04 3.58
N ASP B 58 -7.64 1.89 3.38
CA ASP B 58 -8.27 0.67 2.92
C ASP B 58 -8.34 -0.26 4.12
N THR B 59 -9.53 -0.70 4.53
CA THR B 59 -9.64 -1.61 5.68
C THR B 59 -10.88 -2.50 5.61
N ALA B 60 -10.75 -3.72 6.12
CA ALA B 60 -11.90 -4.61 6.22
C ALA B 60 -12.58 -4.51 7.60
N GLY B 61 -12.10 -3.62 8.49
CA GLY B 61 -12.67 -3.47 9.81
C GLY B 61 -12.12 -4.49 10.80
N ARG B 69 -10.64 0.35 15.31
CA ARG B 69 -11.92 -0.07 14.72
C ARG B 69 -12.87 1.10 14.71
N ASP B 70 -13.08 1.73 15.86
CA ASP B 70 -13.92 2.92 15.92
C ASP B 70 -13.13 4.15 15.45
N GLN B 71 -11.81 4.18 15.71
CA GLN B 71 -10.93 5.29 15.32
C GLN B 71 -10.88 5.55 13.82
N TYR B 72 -10.83 4.48 12.99
CA TYR B 72 -10.83 4.71 11.54
C TYR B 72 -12.17 5.31 11.09
N MET B 73 -13.29 4.90 11.72
CA MET B 73 -14.59 5.43 11.36
C MET B 73 -14.76 6.88 11.80
N ARG B 74 -14.34 7.20 13.03
CA ARG B 74 -14.40 8.56 13.55
C ARG B 74 -13.59 9.53 12.69
N THR B 75 -12.42 9.08 12.21
CA THR B 75 -11.48 9.88 11.41
C THR B 75 -12.03 10.09 9.99
N GLY B 76 -12.59 9.02 9.41
CA GLY B 76 -13.13 9.03 8.06
C GLY B 76 -14.22 10.06 7.82
N GLU B 77 -14.15 10.81 6.72
CA GLU B 77 -15.17 11.81 6.35
C GLU B 77 -16.15 11.29 5.31
N GLY B 78 -15.71 10.34 4.49
CA GLY B 78 -16.52 9.72 3.45
C GLY B 78 -16.12 8.27 3.30
N PHE B 79 -17.11 7.41 2.98
CA PHE B 79 -16.86 5.99 2.86
C PHE B 79 -17.32 5.38 1.55
N LEU B 80 -16.46 4.53 1.00
CA LEU B 80 -16.74 3.72 -0.17
C LEU B 80 -17.11 2.33 0.41
N LEU B 81 -18.36 1.95 0.28
CA LEU B 81 -18.87 0.67 0.76
C LEU B 81 -18.69 -0.34 -0.38
N VAL B 82 -17.68 -1.22 -0.29
CA VAL B 82 -17.36 -2.14 -1.38
C VAL B 82 -17.73 -3.61 -1.17
N PHE B 83 -18.40 -4.18 -2.17
CA PHE B 83 -18.70 -5.60 -2.31
C PHE B 83 -18.17 -6.08 -3.68
N ALA B 84 -18.04 -7.39 -3.86
CA ALA B 84 -17.62 -7.97 -5.14
C ALA B 84 -18.86 -8.63 -5.78
N ILE B 85 -19.08 -8.39 -7.09
CA ILE B 85 -20.27 -8.88 -7.77
C ILE B 85 -20.35 -10.43 -7.85
N ASN B 86 -19.27 -11.14 -7.52
CA ASN B 86 -19.25 -12.62 -7.50
C ASN B 86 -19.16 -13.17 -6.05
N ASN B 87 -19.51 -12.35 -5.05
CA ASN B 87 -19.37 -12.72 -3.65
C ASN B 87 -20.58 -12.23 -2.88
N THR B 88 -21.63 -13.06 -2.80
CA THR B 88 -22.89 -12.78 -2.12
C THR B 88 -22.70 -12.31 -0.67
N LYS B 89 -21.85 -13.01 0.10
CA LYS B 89 -21.57 -12.64 1.50
C LYS B 89 -21.04 -11.21 1.61
N SER B 90 -20.15 -10.79 0.70
CA SER B 90 -19.60 -9.44 0.72
C SER B 90 -20.68 -8.36 0.58
N PHE B 91 -21.76 -8.65 -0.18
CA PHE B 91 -22.89 -7.74 -0.35
C PHE B 91 -23.78 -7.71 0.91
N GLU B 92 -23.99 -8.89 1.53
CA GLU B 92 -24.75 -9.05 2.78
C GLU B 92 -24.06 -8.31 3.94
N ASP B 93 -22.72 -8.18 3.91
CA ASP B 93 -21.99 -7.44 4.94
C ASP B 93 -22.22 -5.91 4.85
N ILE B 94 -22.60 -5.39 3.66
CA ILE B 94 -22.74 -3.96 3.39
C ILE B 94 -23.62 -3.25 4.38
N HIS B 95 -24.80 -3.80 4.70
CA HIS B 95 -25.69 -3.15 5.64
C HIS B 95 -25.08 -3.08 7.05
N HIS B 96 -24.23 -4.04 7.43
CA HIS B 96 -23.57 -4.01 8.71
C HIS B 96 -22.55 -2.90 8.79
N TYR B 97 -21.82 -2.62 7.69
CA TYR B 97 -20.84 -1.54 7.63
C TYR B 97 -21.56 -0.20 7.71
N ARG B 98 -22.62 -0.05 6.92
CA ARG B 98 -23.41 1.18 6.93
C ARG B 98 -23.96 1.54 8.33
N GLU B 99 -24.56 0.57 9.04
CA GLU B 99 -25.14 0.76 10.38
C GLU B 99 -24.06 1.14 11.41
N GLN B 100 -22.91 0.49 11.33
CA GLN B 100 -21.79 0.74 12.23
C GLN B 100 -21.17 2.13 12.02
N ILE B 101 -20.98 2.56 10.76
CA ILE B 101 -20.45 3.89 10.46
C ILE B 101 -21.35 4.99 11.07
N LYS B 102 -22.66 4.93 10.80
CA LYS B 102 -23.63 5.90 11.32
C LYS B 102 -23.63 5.94 12.84
N ARG B 103 -23.54 4.78 13.50
CA ARG B 103 -23.51 4.71 14.96
C ARG B 103 -22.18 5.30 15.56
N VAL B 104 -21.02 4.87 15.08
CA VAL B 104 -19.73 5.38 15.57
C VAL B 104 -19.59 6.90 15.30
N LYS B 105 -19.93 7.36 14.10
CA LYS B 105 -19.90 8.79 13.79
C LYS B 105 -21.07 9.58 14.42
N ASP B 106 -22.12 8.88 14.91
CA ASP B 106 -23.32 9.45 15.52
C ASP B 106 -23.93 10.50 14.56
N SER B 107 -24.02 10.16 13.28
CA SER B 107 -24.51 11.10 12.27
C SER B 107 -25.44 10.42 11.30
N GLU B 108 -26.41 11.19 10.79
CA GLU B 108 -27.35 10.69 9.80
C GLU B 108 -26.90 11.03 8.39
N ASP B 109 -26.05 12.06 8.22
CA ASP B 109 -25.61 12.47 6.91
C ASP B 109 -24.13 12.14 6.69
N VAL B 110 -23.78 10.85 6.64
CA VAL B 110 -22.40 10.47 6.42
C VAL B 110 -22.17 10.27 4.91
N PRO B 111 -21.30 11.06 4.25
CA PRO B 111 -21.06 10.86 2.81
C PRO B 111 -20.62 9.43 2.45
N MET B 112 -21.39 8.74 1.58
CA MET B 112 -21.12 7.36 1.17
C MET B 112 -21.47 7.12 -0.31
N VAL B 113 -20.82 6.09 -0.90
CA VAL B 113 -21.03 5.62 -2.26
C VAL B 113 -21.04 4.08 -2.19
N LEU B 114 -22.01 3.42 -2.85
CA LEU B 114 -22.07 1.96 -2.87
C LEU B 114 -21.29 1.49 -4.10
N VAL B 115 -20.28 0.63 -3.90
CA VAL B 115 -19.41 0.19 -4.98
C VAL B 115 -19.44 -1.32 -5.22
N GLY B 116 -19.87 -1.73 -6.42
CA GLY B 116 -19.89 -3.12 -6.83
C GLY B 116 -18.68 -3.42 -7.67
N ASN B 117 -17.61 -3.90 -7.05
CA ASN B 117 -16.32 -4.16 -7.71
C ASN B 117 -16.27 -5.52 -8.45
N LYS B 118 -15.22 -5.71 -9.28
CA LYS B 118 -14.91 -6.86 -10.12
C LYS B 118 -15.94 -7.04 -11.24
N SER B 119 -16.48 -5.94 -11.76
CA SER B 119 -17.47 -6.02 -12.84
C SER B 119 -16.95 -6.66 -14.13
N ASP B 120 -15.63 -6.86 -14.24
CA ASP B 120 -15.01 -7.50 -15.41
C ASP B 120 -15.14 -9.03 -15.38
N LEU B 121 -15.50 -9.62 -14.24
CA LEU B 121 -15.65 -11.07 -14.13
C LEU B 121 -17.04 -11.50 -14.59
N PRO B 122 -17.15 -12.67 -15.24
CA PRO B 122 -18.46 -13.06 -15.79
C PRO B 122 -19.45 -13.71 -14.81
N SER B 123 -18.97 -14.38 -13.74
CA SER B 123 -19.89 -15.09 -12.84
C SER B 123 -20.56 -14.19 -11.77
N ARG B 124 -21.56 -13.39 -12.19
CA ARG B 124 -22.27 -12.49 -11.28
C ARG B 124 -23.26 -13.19 -10.35
N THR B 125 -22.96 -13.25 -9.05
CA THR B 125 -23.91 -13.84 -8.08
C THR B 125 -24.81 -12.76 -7.44
N VAL B 126 -24.34 -11.51 -7.41
CA VAL B 126 -25.09 -10.39 -6.88
C VAL B 126 -25.79 -9.65 -8.01
N ASP B 127 -27.12 -9.57 -7.93
CA ASP B 127 -27.97 -8.87 -8.89
C ASP B 127 -27.70 -7.36 -8.83
N THR B 128 -27.67 -6.68 -9.99
CA THR B 128 -27.51 -5.22 -10.06
C THR B 128 -28.72 -4.55 -9.39
N LYS B 129 -29.92 -5.06 -9.65
CA LYS B 129 -31.17 -4.58 -9.08
C LYS B 129 -31.12 -4.50 -7.56
N GLN B 130 -30.71 -5.56 -6.85
CA GLN B 130 -30.64 -5.51 -5.38
C GLN B 130 -29.59 -4.52 -4.85
N ALA B 131 -28.57 -4.20 -5.66
CA ALA B 131 -27.57 -3.21 -5.25
C ALA B 131 -28.12 -1.80 -5.49
N GLN B 132 -28.81 -1.58 -6.62
CA GLN B 132 -29.42 -0.30 -6.96
C GLN B 132 -30.52 0.06 -5.97
N ASP B 133 -31.31 -0.93 -5.54
CA ASP B 133 -32.37 -0.69 -4.57
C ASP B 133 -31.78 -0.39 -3.20
N LEU B 134 -30.65 -1.03 -2.86
CA LEU B 134 -29.98 -0.79 -1.59
C LEU B 134 -29.43 0.62 -1.56
N ALA B 135 -28.83 1.06 -2.66
CA ALA B 135 -28.25 2.39 -2.75
C ALA B 135 -29.35 3.46 -2.69
N ARG B 136 -30.47 3.22 -3.34
CA ARG B 136 -31.61 4.12 -3.33
C ARG B 136 -32.17 4.24 -1.91
N SER B 137 -32.23 3.12 -1.17
CA SER B 137 -32.72 3.10 0.21
C SER B 137 -31.82 3.95 1.13
N TYR B 138 -30.51 3.95 0.86
CA TYR B 138 -29.56 4.75 1.66
C TYR B 138 -29.44 6.20 1.19
N GLY B 139 -30.04 6.54 0.04
CA GLY B 139 -29.92 7.86 -0.55
C GLY B 139 -28.51 8.10 -1.06
N ILE B 140 -27.83 7.05 -1.55
CA ILE B 140 -26.46 7.13 -2.08
C ILE B 140 -26.37 6.59 -3.51
N PRO B 141 -25.37 7.04 -4.29
CA PRO B 141 -25.22 6.51 -5.66
C PRO B 141 -24.65 5.09 -5.67
N PHE B 142 -25.06 4.28 -6.64
CA PHE B 142 -24.47 2.95 -6.82
C PHE B 142 -23.54 3.06 -8.01
N ILE B 143 -22.27 2.66 -7.85
CA ILE B 143 -21.30 2.67 -8.95
C ILE B 143 -20.61 1.29 -9.14
N GLU B 144 -20.65 0.74 -10.37
CA GLU B 144 -19.99 -0.52 -10.72
C GLU B 144 -18.56 -0.21 -11.13
N THR B 145 -17.59 -0.93 -10.55
CA THR B 145 -16.20 -0.67 -10.85
C THR B 145 -15.41 -1.93 -11.23
N SER B 146 -14.28 -1.72 -11.90
CA SER B 146 -13.31 -2.75 -12.12
C SER B 146 -11.97 -2.17 -11.80
N ALA B 147 -11.30 -2.66 -10.75
CA ALA B 147 -9.94 -2.27 -10.43
C ALA B 147 -8.94 -2.80 -11.49
N LYS B 148 -9.32 -3.86 -12.23
CA LYS B 148 -8.49 -4.46 -13.26
C LYS B 148 -8.47 -3.58 -14.53
N THR B 149 -9.65 -3.09 -14.96
CA THR B 149 -9.71 -2.29 -16.19
C THR B 149 -9.73 -0.76 -15.98
N ARG B 150 -9.95 -0.32 -14.73
CA ARG B 150 -10.13 1.09 -14.29
C ARG B 150 -11.56 1.62 -14.48
N GLN B 151 -12.48 0.82 -15.06
CA GLN B 151 -13.86 1.27 -15.29
C GLN B 151 -14.58 1.71 -13.97
N GLY B 152 -15.10 2.94 -13.95
CA GLY B 152 -15.80 3.45 -12.80
C GLY B 152 -14.98 3.87 -11.59
N VAL B 153 -13.66 3.66 -11.60
CA VAL B 153 -12.78 3.98 -10.48
C VAL B 153 -12.71 5.47 -10.20
N ASP B 154 -12.48 6.27 -11.25
CA ASP B 154 -12.45 7.73 -11.10
C ASP B 154 -13.78 8.25 -10.62
N ASP B 155 -14.88 7.70 -11.17
CA ASP B 155 -16.24 8.09 -10.85
C ASP B 155 -16.57 7.78 -9.39
N ALA B 156 -16.16 6.62 -8.86
CA ALA B 156 -16.46 6.29 -7.47
C ALA B 156 -15.75 7.26 -6.49
N PHE B 157 -14.44 7.48 -6.69
CA PHE B 157 -13.67 8.39 -5.85
C PHE B 157 -14.04 9.88 -5.99
N TYR B 158 -14.19 10.39 -7.22
CA TYR B 158 -14.58 11.78 -7.48
C TYR B 158 -16.00 12.07 -6.92
N THR B 159 -16.95 11.12 -7.04
CA THR B 159 -18.31 11.30 -6.48
C THR B 159 -18.24 11.38 -4.99
N LEU B 160 -17.45 10.50 -4.34
CA LEU B 160 -17.30 10.57 -2.89
C LEU B 160 -16.75 11.92 -2.40
N VAL B 161 -15.72 12.42 -3.06
CA VAL B 161 -15.11 13.69 -2.69
C VAL B 161 -16.10 14.85 -2.86
N ARG B 162 -16.88 14.86 -3.97
CA ARG B 162 -17.86 15.94 -4.16
C ARG B 162 -18.91 15.90 -3.04
N GLU B 163 -19.32 14.70 -2.60
CA GLU B 163 -20.27 14.53 -1.50
C GLU B 163 -19.68 15.05 -0.16
N ILE B 164 -18.39 14.75 0.12
CA ILE B 164 -17.73 15.24 1.34
C ILE B 164 -17.66 16.77 1.30
N ARG B 165 -17.32 17.33 0.13
CA ARG B 165 -17.24 18.77 -0.08
C ARG B 165 -18.57 19.46 0.15
N LYS B 166 -19.68 18.87 -0.34
CA LYS B 166 -21.01 19.44 -0.12
C LYS B 166 -21.38 19.36 1.40
N HIS B 167 -21.05 18.25 2.04
CA HIS B 167 -21.30 18.03 3.46
C HIS B 167 -20.55 19.05 4.33
N LYS B 168 -19.32 19.42 3.93
CA LYS B 168 -18.52 20.39 4.69
C LYS B 168 -18.95 21.84 4.49
N GLU B 169 -19.89 22.12 3.57
CA GLU B 169 -20.42 23.47 3.32
C GLU B 169 -21.54 23.73 4.34
N VAL C 2 8.94 -32.66 6.21
CA VAL C 2 7.88 -33.20 7.05
C VAL C 2 6.67 -33.65 6.20
N GLN C 3 5.99 -34.75 6.61
CA GLN C 3 4.83 -35.29 5.89
C GLN C 3 3.52 -34.96 6.62
N LEU C 4 2.48 -34.54 5.89
CA LEU C 4 1.20 -34.18 6.51
C LEU C 4 0.01 -35.07 6.09
N VAL C 5 -0.74 -35.63 7.06
CA VAL C 5 -1.89 -36.50 6.79
C VAL C 5 -3.19 -35.92 7.35
N GLU C 6 -4.20 -35.69 6.49
CA GLU C 6 -5.50 -35.16 6.91
C GLU C 6 -6.56 -36.23 7.18
N SER C 7 -7.56 -35.90 8.03
CA SER C 7 -8.68 -36.81 8.35
C SER C 7 -9.89 -36.47 7.48
N GLY C 10 -17.03 -34.66 5.80
CA GLY C 10 -17.77 -34.91 4.56
C GLY C 10 -19.04 -34.09 4.45
N LEU C 11 -20.19 -34.75 4.29
CA LEU C 11 -21.45 -34.03 4.15
C LEU C 11 -22.02 -33.66 5.50
N VAL C 12 -22.50 -32.42 5.66
CA VAL C 12 -23.04 -31.96 6.93
C VAL C 12 -24.18 -30.92 6.71
N GLN C 13 -25.05 -30.78 7.70
CA GLN C 13 -26.17 -29.85 7.63
C GLN C 13 -25.77 -28.43 8.00
N PRO C 14 -26.44 -27.42 7.42
CA PRO C 14 -26.16 -26.03 7.86
C PRO C 14 -26.48 -25.84 9.35
N GLY C 15 -25.44 -25.52 10.09
CA GLY C 15 -25.50 -25.36 11.54
C GLY C 15 -24.84 -26.51 12.30
N ASP C 16 -24.37 -27.55 11.58
CA ASP C 16 -23.71 -28.71 12.20
C ASP C 16 -22.16 -28.56 12.29
N SER C 17 -21.53 -29.43 13.08
CA SER C 17 -20.10 -29.45 13.39
C SER C 17 -19.34 -30.61 12.70
N LEU C 18 -17.99 -30.49 12.62
CA LEU C 18 -17.05 -31.47 12.03
C LEU C 18 -15.60 -31.16 12.48
N ARG C 19 -14.76 -32.20 12.67
CA ARG C 19 -13.37 -32.00 13.08
C ARG C 19 -12.39 -32.56 12.05
N LEU C 20 -11.40 -31.74 11.67
CA LEU C 20 -10.34 -32.13 10.75
C LEU C 20 -9.03 -32.30 11.54
N SER C 21 -8.18 -33.24 11.11
CA SER C 21 -6.91 -33.48 11.79
C SER C 21 -5.76 -33.47 10.79
N CYS C 22 -4.63 -32.90 11.18
CA CYS C 22 -3.45 -32.84 10.33
C CYS C 22 -2.28 -33.44 11.12
N ALA C 23 -1.92 -34.70 10.81
CA ALA C 23 -0.84 -35.42 11.49
C ALA C 23 0.50 -35.20 10.81
N ALA C 24 1.51 -34.81 11.58
CA ALA C 24 2.84 -34.53 11.04
C ALA C 24 3.88 -35.58 11.42
N SER C 25 4.92 -35.72 10.59
CA SER C 25 6.00 -36.65 10.82
C SER C 25 7.27 -36.22 10.12
N GLY C 26 8.36 -36.17 10.88
CA GLY C 26 9.65 -35.78 10.34
C GLY C 26 10.56 -35.13 11.36
N PRO C 27 11.64 -34.52 10.90
CA PRO C 27 12.59 -33.90 11.86
C PRO C 27 12.11 -32.55 12.40
N SER C 28 12.40 -32.31 13.69
CA SER C 28 12.10 -31.08 14.42
C SER C 28 10.65 -30.57 14.26
N LEU C 29 9.67 -31.39 14.64
CA LEU C 29 8.26 -31.03 14.53
C LEU C 29 7.86 -29.83 15.37
N ASP C 30 8.59 -29.56 16.46
CA ASP C 30 8.35 -28.44 17.37
C ASP C 30 8.64 -27.07 16.75
N LEU C 31 9.43 -27.02 15.67
CA LEU C 31 9.74 -25.75 15.01
C LEU C 31 8.70 -25.34 13.94
N TYR C 32 7.67 -26.16 13.71
CA TYR C 32 6.70 -25.89 12.68
C TYR C 32 5.44 -25.13 13.11
N GLY C 33 5.08 -24.18 12.27
CA GLY C 33 3.83 -23.42 12.30
C GLY C 33 2.91 -24.07 11.25
N THR C 34 1.61 -24.19 11.53
CA THR C 34 0.69 -24.88 10.61
C THR C 34 -0.52 -24.03 10.28
N ALA C 35 -0.89 -24.03 9.00
CA ALA C 35 -2.04 -23.29 8.51
C ALA C 35 -3.06 -24.21 7.82
N TRP C 36 -4.31 -23.76 7.80
CA TRP C 36 -5.37 -24.42 7.06
C TRP C 36 -5.76 -23.47 5.94
N PHE C 37 -5.88 -24.01 4.75
CA PHE C 37 -6.36 -23.30 3.56
C PHE C 37 -7.55 -24.08 3.02
N ARG C 38 -8.40 -23.43 2.25
CA ARG C 38 -9.52 -24.12 1.62
C ARG C 38 -9.71 -23.65 0.17
N GLN C 39 -10.38 -24.47 -0.66
CA GLN C 39 -10.56 -24.13 -2.05
C GLN C 39 -11.87 -24.56 -2.61
N VAL C 40 -12.71 -23.61 -3.02
CA VAL C 40 -13.98 -23.87 -3.71
C VAL C 40 -13.59 -24.29 -5.13
N PRO C 41 -14.23 -25.32 -5.73
CA PRO C 41 -13.84 -25.76 -7.08
C PRO C 41 -13.88 -24.63 -8.10
N GLY C 42 -12.82 -24.49 -8.88
CA GLY C 42 -12.72 -23.43 -9.87
C GLY C 42 -12.32 -22.06 -9.32
N LYS C 43 -12.06 -21.96 -8.02
CA LYS C 43 -11.73 -20.68 -7.39
C LYS C 43 -10.34 -20.67 -6.77
N GLU C 44 -9.91 -19.50 -6.27
CA GLU C 44 -8.61 -19.32 -5.60
C GLU C 44 -8.60 -20.05 -4.25
N ARG C 45 -7.40 -20.45 -3.83
CA ARG C 45 -7.16 -21.06 -2.52
C ARG C 45 -7.23 -19.91 -1.52
N GLU C 46 -7.93 -20.10 -0.42
CA GLU C 46 -8.07 -19.03 0.56
C GLU C 46 -7.67 -19.45 1.97
N PHE C 47 -7.09 -18.52 2.71
CA PHE C 47 -6.63 -18.76 4.06
C PHE C 47 -7.79 -19.01 4.99
N VAL C 48 -7.62 -19.95 5.92
CA VAL C 48 -8.65 -20.24 6.92
C VAL C 48 -8.20 -19.89 8.35
N SER C 49 -7.06 -20.45 8.82
CA SER C 49 -6.53 -20.23 10.15
C SER C 49 -5.07 -20.74 10.28
N HIS C 50 -4.35 -20.33 11.33
CA HIS C 50 -2.95 -20.74 11.49
C HIS C 50 -2.56 -20.74 12.98
N ILE C 51 -1.70 -21.66 13.36
CA ILE C 51 -1.14 -21.73 14.70
C ILE C 51 0.39 -21.70 14.54
N ASP C 52 1.05 -20.68 15.11
CA ASP C 52 2.47 -20.56 14.94
C ASP C 52 3.26 -21.54 15.87
N ARG C 53 4.57 -21.58 15.71
CA ARG C 53 5.45 -22.42 16.51
C ARG C 53 5.23 -22.18 18.04
N SER C 54 5.02 -20.92 18.44
CA SER C 54 4.80 -20.54 19.84
C SER C 54 3.35 -20.75 20.34
N GLY C 55 2.42 -21.08 19.45
CA GLY C 55 1.04 -21.37 19.83
C GLY C 55 -0.01 -20.28 19.64
N ILE C 56 0.38 -19.19 18.99
CA ILE C 56 -0.54 -18.08 18.72
C ILE C 56 -1.41 -18.43 17.51
N THR C 57 -2.71 -18.22 17.66
CA THR C 57 -3.70 -18.51 16.64
C THR C 57 -4.20 -17.23 15.96
N ILE C 58 -4.50 -17.32 14.67
CA ILE C 58 -5.09 -16.27 13.82
C ILE C 58 -6.13 -16.95 12.91
N TYR C 59 -7.14 -16.20 12.47
CA TYR C 59 -8.23 -16.76 11.67
C TYR C 59 -8.63 -15.84 10.52
N ALA C 60 -9.26 -16.39 9.49
CA ALA C 60 -9.82 -15.57 8.41
C ALA C 60 -11.06 -14.89 9.01
N ASP C 61 -11.37 -13.66 8.60
CA ASP C 61 -12.54 -12.96 9.11
C ASP C 61 -13.86 -13.76 8.92
N SER C 62 -13.96 -14.52 7.82
CA SER C 62 -15.13 -15.34 7.49
C SER C 62 -15.40 -16.46 8.48
N VAL C 63 -14.35 -16.98 9.13
CA VAL C 63 -14.49 -18.07 10.11
C VAL C 63 -14.18 -17.62 11.55
N GLU C 64 -13.84 -16.34 11.77
CA GLU C 64 -13.49 -15.77 13.07
C GLU C 64 -14.59 -16.00 14.10
N GLY C 65 -14.29 -16.83 15.09
CA GLY C 65 -15.22 -17.18 16.14
C GLY C 65 -15.99 -18.46 15.91
N ARG C 66 -16.04 -18.93 14.66
CA ARG C 66 -16.77 -20.14 14.31
C ARG C 66 -15.86 -21.35 14.35
N PHE C 67 -14.64 -21.19 13.83
CA PHE C 67 -13.66 -22.26 13.74
C PHE C 67 -12.61 -22.11 14.84
N THR C 68 -11.96 -23.22 15.20
CA THR C 68 -10.92 -23.18 16.23
C THR C 68 -9.77 -24.13 15.85
N ILE C 69 -8.58 -23.57 15.66
CA ILE C 69 -7.40 -24.35 15.40
C ILE C 69 -6.75 -24.68 16.75
N SER C 70 -6.17 -25.85 16.88
CA SER C 70 -5.49 -26.27 18.10
C SER C 70 -4.36 -27.26 17.75
N ARG C 71 -3.55 -27.66 18.74
CA ARG C 71 -2.46 -28.57 18.48
C ARG C 71 -2.18 -29.48 19.66
N ASP C 72 -1.90 -30.75 19.38
CA ASP C 72 -1.54 -31.73 20.40
C ASP C 72 -0.06 -31.53 20.67
N SER C 73 0.27 -31.11 21.88
CA SER C 73 1.64 -30.82 22.30
C SER C 73 2.53 -32.07 22.35
N ARG C 76 1.54 -34.07 18.30
CA ARG C 76 2.09 -34.06 16.94
C ARG C 76 1.02 -33.83 15.85
N THR C 77 -0.23 -33.49 16.25
CA THR C 77 -1.30 -33.26 15.30
C THR C 77 -1.94 -31.88 15.49
N VAL C 78 -2.32 -31.22 14.39
CA VAL C 78 -3.00 -29.94 14.44
C VAL C 78 -4.48 -30.19 14.08
N TYR C 79 -5.41 -29.59 14.80
CA TYR C 79 -6.83 -29.80 14.54
C TYR C 79 -7.54 -28.56 14.04
N LEU C 80 -8.55 -28.76 13.21
CA LEU C 80 -9.41 -27.66 12.77
C LEU C 80 -10.83 -28.01 13.18
N GLN C 81 -11.31 -27.35 14.23
CA GLN C 81 -12.65 -27.57 14.72
C GLN C 81 -13.60 -26.69 13.98
N MET C 82 -14.50 -27.27 13.18
CA MET C 82 -15.43 -26.50 12.36
C MET C 82 -16.85 -26.62 12.90
N ASN C 83 -17.47 -25.49 13.27
CA ASN C 83 -18.84 -25.48 13.80
C ASN C 83 -19.71 -24.42 13.09
N THR C 84 -21.06 -24.53 13.23
CA THR C 84 -22.06 -23.60 12.65
C THR C 84 -21.86 -23.44 11.13
N LEU C 85 -21.59 -24.57 10.45
CA LEU C 85 -21.28 -24.63 9.02
C LEU C 85 -22.41 -24.11 8.12
N ALA C 86 -22.04 -23.45 7.02
CA ALA C 86 -22.98 -22.87 6.05
C ALA C 86 -22.64 -23.38 4.65
N PRO C 87 -23.51 -23.18 3.63
CA PRO C 87 -23.18 -23.64 2.27
C PRO C 87 -21.85 -23.11 1.76
N GLU C 88 -21.50 -21.88 2.15
CA GLU C 88 -20.27 -21.21 1.75
C GLU C 88 -18.98 -21.87 2.28
N ASP C 89 -19.10 -22.87 3.17
CA ASP C 89 -17.94 -23.60 3.70
C ASP C 89 -17.63 -24.88 2.90
N THR C 90 -18.45 -25.25 1.91
CA THR C 90 -18.19 -26.42 1.07
C THR C 90 -16.92 -26.12 0.24
N ALA C 91 -15.87 -26.92 0.41
CA ALA C 91 -14.57 -26.71 -0.24
C ALA C 91 -13.62 -27.91 0.03
N ALA C 92 -12.45 -27.95 -0.66
CA ALA C 92 -11.40 -28.92 -0.41
C ALA C 92 -10.47 -28.22 0.65
N TYR C 93 -10.22 -28.83 1.82
CA TYR C 93 -9.41 -28.27 2.92
C TYR C 93 -8.01 -28.84 2.97
N TYR C 94 -7.01 -27.99 3.08
CA TYR C 94 -5.62 -28.39 3.10
C TYR C 94 -4.87 -27.85 4.32
N CYS C 95 -4.09 -28.69 5.00
CA CYS C 95 -3.19 -28.17 6.03
C CYS C 95 -1.82 -28.02 5.37
N ALA C 96 -1.02 -27.10 5.90
CA ALA C 96 0.30 -26.76 5.35
C ALA C 96 1.17 -26.29 6.52
N ALA C 97 2.47 -26.53 6.45
CA ALA C 97 3.36 -26.20 7.57
C ALA C 97 4.70 -25.66 7.11
N THR C 98 5.36 -24.87 7.97
CA THR C 98 6.68 -24.34 7.68
C THR C 98 7.47 -24.08 8.96
N ARG C 99 8.76 -24.33 8.91
CA ARG C 99 9.65 -24.02 10.02
C ARG C 99 10.41 -22.70 9.76
N SER C 100 10.01 -21.93 8.71
CA SER C 100 10.59 -20.63 8.38
C SER C 100 10.58 -19.68 9.59
N ASN C 101 11.67 -18.90 9.77
CA ASN C 101 11.79 -17.87 10.81
C ASN C 101 11.28 -16.51 10.34
N PHE C 102 10.71 -16.40 9.12
CA PHE C 102 10.20 -15.14 8.62
C PHE C 102 9.25 -15.43 7.48
N TYR C 103 7.94 -15.37 7.75
CA TYR C 103 6.94 -15.65 6.74
C TYR C 103 5.61 -14.97 7.00
N PHE C 104 4.84 -14.68 5.94
CA PHE C 104 3.51 -14.09 6.03
C PHE C 104 2.57 -15.29 6.07
N PRO C 105 1.91 -15.51 7.23
CA PRO C 105 1.15 -16.76 7.42
C PRO C 105 -0.09 -16.96 6.55
N ARG C 106 -0.69 -15.88 6.04
CA ARG C 106 -1.87 -16.01 5.18
C ARG C 106 -1.52 -16.25 3.69
N GLU C 107 -0.22 -16.34 3.32
CA GLU C 107 0.18 -16.56 1.94
C GLU C 107 0.56 -18.01 1.72
N ASP C 108 -0.07 -18.73 0.74
CA ASP C 108 0.22 -20.14 0.50
C ASP C 108 1.65 -20.41 0.06
N MET C 109 2.30 -19.45 -0.58
CA MET C 109 3.68 -19.60 -1.00
C MET C 109 4.67 -19.61 0.19
N SER C 110 4.20 -19.37 1.44
CA SER C 110 5.08 -19.46 2.62
C SER C 110 5.27 -20.91 3.10
N TYR C 111 4.50 -21.85 2.57
CA TYR C 111 4.49 -23.23 3.06
C TYR C 111 5.08 -24.19 2.06
N ASP C 112 6.07 -24.98 2.48
CA ASP C 112 6.66 -25.97 1.55
C ASP C 112 6.23 -27.39 1.85
N SER C 113 5.31 -27.61 2.80
CA SER C 113 4.83 -28.94 3.15
C SER C 113 3.31 -28.90 3.18
N TRP C 114 2.64 -29.87 2.54
CA TRP C 114 1.18 -29.84 2.41
C TRP C 114 0.50 -31.19 2.60
N GLY C 115 -0.70 -31.18 3.18
CA GLY C 115 -1.51 -32.38 3.31
C GLY C 115 -2.11 -32.76 1.96
N GLN C 116 -2.66 -33.97 1.84
CA GLN C 116 -3.26 -34.43 0.59
C GLN C 116 -4.61 -33.81 0.25
N GLY C 117 -5.26 -33.21 1.24
CA GLY C 117 -6.57 -32.60 1.12
C GLY C 117 -7.69 -33.40 1.74
N THR C 118 -8.80 -32.75 2.01
CA THR C 118 -10.01 -33.39 2.53
C THR C 118 -11.23 -32.63 1.97
N LEU C 119 -12.26 -33.38 1.54
CA LEU C 119 -13.44 -32.75 0.96
C LEU C 119 -14.54 -32.54 1.98
N VAL C 120 -14.94 -31.28 2.19
CA VAL C 120 -16.00 -30.91 3.12
C VAL C 120 -17.19 -30.35 2.33
N THR C 121 -18.39 -30.87 2.59
CA THR C 121 -19.58 -30.45 1.85
C THR C 121 -20.64 -29.84 2.78
N GLN D 3 -3.88 24.94 -27.46
CA GLN D 3 -2.64 25.36 -28.10
C GLN D 3 -1.72 26.05 -27.11
N LEU D 4 -0.59 25.42 -26.80
CA LEU D 4 0.35 25.97 -25.84
C LEU D 4 1.69 26.34 -26.48
N VAL D 5 2.12 27.61 -26.27
CA VAL D 5 3.38 28.13 -26.80
C VAL D 5 4.35 28.38 -25.64
N GLU D 6 5.63 28.07 -25.85
CA GLU D 6 6.64 28.21 -24.80
C GLU D 6 7.74 29.20 -25.16
N SER D 7 8.38 29.78 -24.11
CA SER D 7 9.47 30.76 -24.17
C SER D 7 10.39 30.65 -25.41
N LEU D 11 21.37 29.40 -23.27
CA LEU D 11 22.57 29.29 -22.44
C LEU D 11 22.44 30.12 -21.17
N VAL D 12 22.54 29.47 -20.00
CA VAL D 12 22.47 30.15 -18.72
C VAL D 12 23.66 29.72 -17.86
N GLN D 13 24.22 30.67 -17.10
CA GLN D 13 25.35 30.39 -16.21
C GLN D 13 24.87 29.90 -14.82
N PRO D 14 25.69 29.13 -14.06
CA PRO D 14 25.24 28.71 -12.72
C PRO D 14 25.07 29.91 -11.77
N GLY D 15 24.11 29.80 -10.86
CA GLY D 15 23.78 30.85 -9.91
C GLY D 15 22.72 31.81 -10.41
N ASP D 16 22.77 32.11 -11.73
CA ASP D 16 21.87 33.04 -12.44
C ASP D 16 20.37 32.59 -12.44
N SER D 17 19.49 33.40 -13.07
CA SER D 17 18.05 33.12 -13.11
C SER D 17 17.49 33.10 -14.56
N LEU D 18 16.26 32.57 -14.74
CA LEU D 18 15.61 32.50 -16.04
C LEU D 18 14.06 32.50 -15.92
N ARG D 19 13.38 33.33 -16.73
CA ARG D 19 11.92 33.34 -16.73
C ARG D 19 11.36 32.53 -17.90
N LEU D 20 10.62 31.46 -17.58
CA LEU D 20 9.99 30.62 -18.58
C LEU D 20 8.56 31.12 -18.80
N SER D 21 8.17 31.30 -20.04
CA SER D 21 6.84 31.83 -20.37
C SER D 21 5.92 30.75 -20.92
N CYS D 22 4.61 30.89 -20.68
CA CYS D 22 3.66 29.88 -21.11
C CYS D 22 2.34 30.42 -21.67
N ALA D 23 2.33 30.89 -22.93
CA ALA D 23 1.10 31.39 -23.58
C ALA D 23 0.11 30.27 -23.98
N ALA D 24 -1.20 30.54 -23.85
CA ALA D 24 -2.22 29.55 -24.21
C ALA D 24 -3.33 30.08 -25.13
N TYR D 32 -8.27 26.24 -16.76
CA TYR D 32 -7.10 25.37 -16.92
C TYR D 32 -6.12 25.43 -15.75
N GLY D 33 -5.60 24.28 -15.39
CA GLY D 33 -4.53 24.19 -14.40
C GLY D 33 -3.21 24.06 -15.15
N THR D 34 -2.10 24.67 -14.67
CA THR D 34 -0.82 24.60 -15.41
C THR D 34 0.38 24.06 -14.58
N ALA D 35 1.11 23.13 -15.20
CA ALA D 35 2.28 22.54 -14.57
C ALA D 35 3.58 22.72 -15.38
N TRP D 36 4.70 22.59 -14.67
CA TRP D 36 6.03 22.58 -15.22
C TRP D 36 6.63 21.23 -14.87
N PHE D 37 7.15 20.56 -15.89
CA PHE D 37 7.86 19.30 -15.86
C PHE D 37 9.22 19.53 -16.51
N ARG D 38 10.24 18.76 -16.09
CA ARG D 38 11.55 18.83 -16.71
C ARG D 38 12.00 17.42 -17.06
N GLN D 39 12.91 17.30 -18.03
CA GLN D 39 13.39 15.97 -18.40
C GLN D 39 14.87 15.94 -18.69
N VAL D 40 15.63 15.11 -17.95
CA VAL D 40 17.05 14.89 -18.18
C VAL D 40 17.15 13.99 -19.42
N PRO D 41 18.08 14.29 -20.33
CA PRO D 41 18.25 13.45 -21.52
C PRO D 41 18.49 11.97 -21.18
N GLY D 42 17.50 11.13 -21.47
CA GLY D 42 17.61 9.70 -21.17
C GLY D 42 16.81 9.24 -19.97
N LYS D 43 16.35 10.21 -19.15
CA LYS D 43 15.56 9.90 -17.97
C LYS D 43 14.08 10.17 -18.18
N GLU D 44 13.26 9.87 -17.17
CA GLU D 44 11.85 10.15 -17.24
C GLU D 44 11.58 11.61 -16.90
N ARG D 45 10.39 12.08 -17.28
CA ARG D 45 9.91 13.41 -17.04
C ARG D 45 9.59 13.54 -15.55
N GLU D 46 10.07 14.62 -14.92
CA GLU D 46 9.83 14.83 -13.49
C GLU D 46 8.99 16.06 -13.24
N PHE D 47 8.07 15.97 -12.28
CA PHE D 47 7.25 17.09 -11.87
C PHE D 47 8.14 18.15 -11.19
N VAL D 48 7.86 19.44 -11.47
CA VAL D 48 8.58 20.58 -10.92
C VAL D 48 7.65 21.47 -10.09
N SER D 49 6.52 21.93 -10.69
CA SER D 49 5.62 22.87 -10.03
C SER D 49 4.25 22.89 -10.68
N HIS D 50 3.23 23.30 -9.91
CA HIS D 50 1.87 23.36 -10.44
C HIS D 50 1.09 24.51 -9.81
N ILE D 51 0.20 25.12 -10.58
CA ILE D 51 -0.71 26.18 -10.11
C ILE D 51 -2.06 25.84 -10.68
N ASP D 52 -3.02 25.55 -9.81
CA ASP D 52 -4.35 25.15 -10.24
C ASP D 52 -5.23 26.32 -10.69
N ARG D 53 -6.43 26.00 -11.20
CA ARG D 53 -7.44 26.95 -11.65
C ARG D 53 -7.68 28.05 -10.60
N SER D 54 -7.55 27.71 -9.30
CA SER D 54 -7.79 28.64 -8.20
C SER D 54 -6.54 29.37 -7.63
N GLY D 55 -5.35 29.13 -8.18
CA GLY D 55 -4.14 29.81 -7.71
C GLY D 55 -3.30 29.13 -6.63
N ILE D 56 -3.69 27.93 -6.16
CA ILE D 56 -2.93 27.19 -5.14
C ILE D 56 -1.67 26.59 -5.79
N THR D 57 -0.49 26.87 -5.21
CA THR D 57 0.76 26.39 -5.79
C THR D 57 1.45 25.27 -4.99
N ILE D 58 1.99 24.27 -5.72
CA ILE D 58 2.74 23.15 -5.16
C ILE D 58 4.08 22.98 -5.91
N TYR D 59 5.10 22.40 -5.25
CA TYR D 59 6.43 22.21 -5.85
C TYR D 59 6.99 20.83 -5.52
N ALA D 60 7.91 20.35 -6.36
CA ALA D 60 8.65 19.13 -6.09
C ALA D 60 9.80 19.48 -5.10
N ASP D 61 10.44 18.49 -4.49
CA ASP D 61 11.59 18.73 -3.59
C ASP D 61 12.85 19.02 -4.41
N GLY D 65 11.68 26.39 -3.22
CA GLY D 65 12.44 27.50 -2.66
C GLY D 65 13.19 28.32 -3.69
N ARG D 66 13.67 27.66 -4.76
CA ARG D 66 14.41 28.32 -5.83
C ARG D 66 13.49 28.75 -6.97
N PHE D 67 12.44 27.97 -7.25
CA PHE D 67 11.55 28.27 -8.36
C PHE D 67 10.23 28.86 -7.87
N THR D 68 9.53 29.61 -8.75
CA THR D 68 8.24 30.18 -8.43
C THR D 68 7.27 30.10 -9.62
N ILE D 69 6.12 29.42 -9.44
CA ILE D 69 5.11 29.38 -10.50
C ILE D 69 4.07 30.48 -10.22
N SER D 70 3.64 31.18 -11.29
CA SER D 70 2.66 32.26 -11.18
C SER D 70 1.80 32.35 -12.46
N ARG D 71 0.63 33.01 -12.38
CA ARG D 71 -0.23 33.15 -13.55
C ARG D 71 -0.68 34.57 -13.72
N ASP D 72 -0.72 35.06 -14.96
CA ASP D 72 -1.24 36.40 -15.27
C ASP D 72 -2.58 36.18 -15.96
N SER D 73 -3.69 36.29 -15.21
CA SER D 73 -5.04 36.12 -15.76
C SER D 73 -5.36 37.22 -16.75
N THR D 77 -1.41 33.67 -19.09
CA THR D 77 -0.03 33.22 -19.32
C THR D 77 0.58 32.76 -17.99
N VAL D 78 1.21 31.57 -17.98
CA VAL D 78 1.84 31.07 -16.75
C VAL D 78 3.37 31.23 -16.80
N TYR D 79 3.96 31.81 -15.75
CA TYR D 79 5.40 32.04 -15.73
C TYR D 79 6.11 31.29 -14.64
N LEU D 80 7.09 30.43 -15.01
CA LEU D 80 7.94 29.76 -14.04
C LEU D 80 9.23 30.58 -13.91
N GLN D 81 9.47 31.15 -12.74
CA GLN D 81 10.70 31.88 -12.50
C GLN D 81 11.66 30.91 -11.89
N MET D 82 12.74 30.61 -12.59
CA MET D 82 13.77 29.70 -12.09
C MET D 82 14.93 30.53 -11.54
N ASN D 83 15.14 30.52 -10.22
CA ASN D 83 16.25 31.26 -9.60
C ASN D 83 17.33 30.27 -9.09
N THR D 84 18.57 30.75 -8.83
CA THR D 84 19.76 29.98 -8.35
C THR D 84 19.86 28.61 -9.10
N LEU D 85 19.87 28.66 -10.44
CA LEU D 85 19.96 27.46 -11.26
C LEU D 85 21.37 26.85 -11.25
N ALA D 86 21.43 25.53 -11.07
CA ALA D 86 22.68 24.77 -11.05
C ALA D 86 22.81 23.89 -12.30
N PRO D 87 23.98 23.26 -12.55
CA PRO D 87 24.09 22.38 -13.72
C PRO D 87 23.13 21.16 -13.67
N GLU D 88 22.77 20.68 -12.46
CA GLU D 88 21.83 19.56 -12.34
C GLU D 88 20.39 19.92 -12.80
N ASP D 89 20.10 21.21 -12.94
CA ASP D 89 18.83 21.68 -13.45
C ASP D 89 18.82 21.72 -14.99
N THR D 90 19.92 21.35 -15.68
CA THR D 90 19.95 21.32 -17.14
C THR D 90 18.95 20.24 -17.58
N ALA D 91 17.88 20.66 -18.23
CA ALA D 91 16.82 19.75 -18.67
C ALA D 91 16.00 20.45 -19.77
N ALA D 92 15.15 19.70 -20.49
CA ALA D 92 14.24 20.28 -21.43
C ALA D 92 13.01 20.53 -20.59
N TYR D 93 12.64 21.79 -20.36
CA TYR D 93 11.48 22.18 -19.54
C TYR D 93 10.23 22.27 -20.38
N TYR D 94 9.12 21.78 -19.85
CA TYR D 94 7.87 21.74 -20.57
C TYR D 94 6.69 22.32 -19.82
N CYS D 95 5.75 22.88 -20.59
CA CYS D 95 4.47 23.45 -20.18
C CYS D 95 3.43 22.41 -20.38
N ALA D 96 2.46 22.35 -19.45
CA ALA D 96 1.36 21.42 -19.58
C ALA D 96 0.10 21.99 -18.93
N ALA D 97 -1.08 21.77 -19.56
CA ALA D 97 -2.36 22.23 -19.04
C ALA D 97 -3.49 21.23 -19.25
N THR D 98 -4.52 21.30 -18.38
CA THR D 98 -5.69 20.43 -18.46
C THR D 98 -6.88 21.10 -17.79
N ARG D 99 -8.06 20.97 -18.41
CA ARG D 99 -9.32 21.47 -17.88
C ARG D 99 -10.06 20.37 -17.08
N SER D 100 -9.38 19.27 -16.72
CA SER D 100 -9.96 18.16 -15.98
C SER D 100 -10.41 18.60 -14.60
N ASN D 101 -11.54 18.08 -14.15
CA ASN D 101 -12.10 18.37 -12.83
C ASN D 101 -11.68 17.32 -11.78
N PHE D 102 -10.74 16.41 -12.12
CA PHE D 102 -10.33 15.37 -11.22
C PHE D 102 -9.09 14.77 -11.78
N TYR D 103 -7.97 15.36 -11.44
CA TYR D 103 -6.69 14.93 -11.95
C TYR D 103 -5.63 15.03 -10.87
N PHE D 104 -4.59 14.22 -11.00
CA PHE D 104 -3.46 14.19 -10.09
C PHE D 104 -2.39 15.15 -10.70
N PRO D 105 -2.13 16.29 -10.04
CA PRO D 105 -1.30 17.35 -10.66
C PRO D 105 0.17 17.00 -10.96
N ARG D 106 0.71 15.96 -10.33
CA ARG D 106 2.09 15.56 -10.56
C ARG D 106 2.25 14.47 -11.66
N GLU D 107 1.15 13.93 -12.17
CA GLU D 107 1.17 12.90 -13.21
C GLU D 107 1.17 13.55 -14.57
N ASP D 108 2.18 13.30 -15.44
CA ASP D 108 2.20 13.94 -16.77
C ASP D 108 1.02 13.51 -17.63
N MET D 109 0.52 12.27 -17.45
CA MET D 109 -0.60 11.77 -18.22
C MET D 109 -1.92 12.53 -17.95
N SER D 110 -1.94 13.42 -16.93
CA SER D 110 -3.14 14.23 -16.64
C SER D 110 -3.29 15.40 -17.60
N TYR D 111 -2.26 15.73 -18.39
CA TYR D 111 -2.31 16.88 -19.28
C TYR D 111 -2.32 16.46 -20.74
N ASP D 112 -3.26 17.00 -21.49
CA ASP D 112 -3.38 16.74 -22.92
C ASP D 112 -3.01 17.96 -23.79
N SER D 113 -2.63 19.12 -23.17
CA SER D 113 -2.20 20.32 -23.89
C SER D 113 -0.77 20.69 -23.46
N TRP D 114 0.20 20.62 -24.39
CA TRP D 114 1.59 20.88 -24.05
C TRP D 114 2.28 21.89 -24.98
N GLY D 115 3.22 22.63 -24.41
CA GLY D 115 4.05 23.56 -25.16
C GLY D 115 5.24 22.82 -25.74
N GLN D 116 5.77 23.29 -26.89
CA GLN D 116 6.88 22.65 -27.65
C GLN D 116 8.23 22.43 -26.86
N GLY D 117 8.34 23.04 -25.69
CA GLY D 117 9.52 22.87 -24.86
C GLY D 117 10.60 23.93 -24.94
N THR D 118 11.33 24.09 -23.85
CA THR D 118 12.45 25.02 -23.80
C THR D 118 13.66 24.29 -23.24
N LEU D 119 14.69 24.13 -24.09
CA LEU D 119 15.93 23.45 -23.71
C LEU D 119 16.80 24.41 -22.95
N VAL D 120 16.87 24.23 -21.63
CA VAL D 120 17.67 25.06 -20.75
C VAL D 120 19.04 24.42 -20.58
N THR D 121 20.09 25.14 -21.00
CA THR D 121 21.46 24.66 -20.87
C THR D 121 22.16 25.42 -19.76
N VAL D 122 22.41 24.75 -18.61
CA VAL D 122 23.14 25.38 -17.52
C VAL D 122 24.59 24.86 -17.52
#